data_2GJS
#
_entry.id   2GJS
#
_cell.length_a   51.427
_cell.length_b   58.560
_cell.length_c   53.603
_cell.angle_alpha   90.00
_cell.angle_beta   97.18
_cell.angle_gamma   90.00
#
_symmetry.space_group_name_H-M   'P 1 21 1'
#
loop_
_entity.id
_entity.type
_entity.pdbx_description
1 polymer 'GTP-binding protein RAD'
2 non-polymer 'MAGNESIUM ION'
3 non-polymer "GUANOSINE-5'-DIPHOSPHATE"
4 water water
#
_entity_poly.entity_id   1
_entity_poly.type   'polypeptide(L)'
_entity_poly.pdbx_seq_one_letter_code
;SMSDESVYKVLLLGAPGVGKSALARIFGGVEDGPEAEAAGHTYDRSIVVDGEEASLMVYDIWEQDGGRWLPGHCMAMGDA
YVIVYSVTDKGSFEKASELRVQLRRARQTDDVPIILVGNKSDLVRSREVSVDEGRACAVVFDCKFIETSAALHHNVQALF
EGVVRQIRLRRDSKEA
;
_entity_poly.pdbx_strand_id   A,B
#
loop_
_chem_comp.id
_chem_comp.type
_chem_comp.name
_chem_comp.formula
GDP RNA linking GUANOSINE-5'-DIPHOSPHATE 'C10 H15 N5 O11 P2'
MG non-polymer 'MAGNESIUM ION' 'Mg 2'
#
# COMPACT_ATOMS: atom_id res chain seq x y z
N VAL A 7 1.43 -29.85 -7.07
CA VAL A 7 2.81 -29.30 -6.97
C VAL A 7 2.84 -27.84 -7.34
N TYR A 8 3.29 -26.99 -6.41
CA TYR A 8 3.11 -25.55 -6.49
C TYR A 8 4.42 -24.78 -6.42
N LYS A 9 4.58 -23.78 -7.28
CA LYS A 9 5.77 -22.94 -7.26
C LYS A 9 5.44 -21.66 -6.51
N VAL A 10 6.31 -21.30 -5.59
CA VAL A 10 6.09 -20.16 -4.71
C VAL A 10 7.30 -19.23 -4.83
N LEU A 11 7.07 -17.94 -5.16
CA LEU A 11 8.18 -16.99 -5.24
C LEU A 11 8.29 -16.16 -3.98
N LEU A 12 9.48 -16.10 -3.37
CA LEU A 12 9.75 -15.17 -2.24
C LEU A 12 10.29 -13.84 -2.80
N LEU A 13 9.58 -12.74 -2.53
CA LEU A 13 9.96 -11.39 -2.97
C LEU A 13 10.17 -10.51 -1.76
N GLY A 14 11.03 -9.49 -1.90
CA GLY A 14 11.23 -8.52 -0.87
C GLY A 14 12.62 -7.92 -0.95
N ALA A 15 12.79 -6.82 -0.24
CA ALA A 15 14.05 -6.10 -0.16
C ALA A 15 15.18 -7.00 0.39
N PRO A 16 16.44 -6.67 0.06
CA PRO A 16 17.57 -7.37 0.64
C PRO A 16 17.55 -7.29 2.17
N GLY A 17 17.93 -8.38 2.80
CA GLY A 17 18.18 -8.40 4.24
C GLY A 17 16.98 -8.67 5.14
N VAL A 18 15.81 -8.96 4.54
CA VAL A 18 14.54 -9.09 5.28
C VAL A 18 14.32 -10.52 5.86
N GLY A 19 15.06 -11.51 5.34
CA GLY A 19 15.01 -12.89 5.83
C GLY A 19 14.37 -13.89 4.87
N LYS A 20 14.33 -13.57 3.57
CA LYS A 20 13.83 -14.48 2.55
C LYS A 20 14.57 -15.82 2.57
N SER A 21 15.90 -15.74 2.60
CA SER A 21 16.74 -16.94 2.57
C SER A 21 16.62 -17.73 3.85
N ALA A 22 16.52 -17.02 4.98
CA ALA A 22 16.29 -17.64 6.28
C ALA A 22 15.04 -18.48 6.33
N LEU A 23 13.92 -17.88 5.89
CA LEU A 23 12.65 -18.53 5.82
C LEU A 23 12.69 -19.71 4.89
N ALA A 24 13.22 -19.54 3.69
CA ALA A 24 13.29 -20.64 2.74
C ALA A 24 14.12 -21.81 3.27
N ARG A 25 15.24 -21.54 3.91
CA ARG A 25 16.13 -22.61 4.36
C ARG A 25 15.51 -23.40 5.50
N ILE A 26 14.80 -22.71 6.39
CA ILE A 26 13.97 -23.37 7.39
C ILE A 26 12.92 -24.27 6.77
N PHE A 27 12.11 -23.77 5.82
CA PHE A 27 11.10 -24.59 5.10
C PHE A 27 11.78 -25.80 4.42
N GLY A 28 12.90 -25.56 3.75
CA GLY A 28 13.64 -26.63 3.04
C GLY A 28 14.33 -27.60 3.99
N GLY A 29 14.40 -27.25 5.27
CA GLY A 29 15.01 -28.10 6.31
C GLY A 29 16.51 -28.10 6.23
N VAL A 30 17.07 -26.97 5.79
CA VAL A 30 18.42 -26.83 5.29
C VAL A 30 19.20 -25.81 6.13
N GLY A 40 20.38 -17.14 -6.51
CA GLY A 40 19.47 -17.50 -5.44
C GLY A 40 19.59 -18.98 -5.13
N HIS A 41 18.45 -19.60 -4.81
CA HIS A 41 18.31 -21.05 -4.71
C HIS A 41 16.85 -21.54 -4.60
N THR A 42 16.68 -22.84 -4.81
CA THR A 42 15.36 -23.47 -4.84
C THR A 42 15.29 -24.57 -3.80
N TYR A 43 14.09 -24.74 -3.28
CA TYR A 43 13.77 -25.70 -2.19
C TYR A 43 12.48 -26.39 -2.59
N ASP A 44 12.42 -27.70 -2.35
CA ASP A 44 11.20 -28.46 -2.53
C ASP A 44 10.90 -29.10 -1.16
N ARG A 45 9.66 -29.52 -0.97
CA ARG A 45 9.22 -30.09 0.29
CA ARG A 45 9.23 -30.13 0.26
C ARG A 45 7.76 -30.46 0.16
N SER A 46 7.42 -31.65 0.57
CA SER A 46 6.03 -32.01 0.60
C SER A 46 5.59 -31.82 2.01
N ILE A 47 4.44 -31.21 2.16
CA ILE A 47 3.80 -30.99 3.45
C ILE A 47 2.32 -31.44 3.41
N VAL A 48 1.77 -31.71 4.57
CA VAL A 48 0.36 -32.07 4.68
C VAL A 48 -0.39 -30.88 5.26
N VAL A 49 -1.41 -30.45 4.54
CA VAL A 49 -2.21 -29.30 4.94
C VAL A 49 -3.67 -29.78 4.88
N ASP A 50 -4.40 -29.60 5.96
CA ASP A 50 -5.77 -30.11 6.09
C ASP A 50 -5.95 -31.51 5.52
N GLY A 51 -5.04 -32.41 5.90
CA GLY A 51 -5.17 -33.81 5.55
C GLY A 51 -4.84 -34.18 4.12
N GLU A 52 -4.34 -33.22 3.35
CA GLU A 52 -3.99 -33.46 1.94
C GLU A 52 -2.54 -33.06 1.70
N GLU A 53 -1.78 -33.94 1.06
CA GLU A 53 -0.38 -33.72 0.80
C GLU A 53 -0.25 -32.70 -0.32
N ALA A 54 0.75 -31.84 -0.22
CA ALA A 54 1.06 -30.86 -1.27
C ALA A 54 2.55 -30.77 -1.35
N SER A 55 3.06 -30.61 -2.57
CA SER A 55 4.47 -30.24 -2.72
C SER A 55 4.60 -28.78 -3.09
N LEU A 56 5.52 -28.10 -2.41
CA LEU A 56 5.84 -26.72 -2.69
C LEU A 56 7.26 -26.66 -3.18
N MET A 57 7.44 -26.01 -4.32
CA MET A 57 8.77 -25.58 -4.73
C MET A 57 8.96 -24.10 -4.43
N VAL A 58 9.89 -23.78 -3.52
CA VAL A 58 10.16 -22.42 -3.11
C VAL A 58 11.35 -21.81 -3.85
N TYR A 59 11.06 -20.76 -4.62
CA TYR A 59 12.09 -20.07 -5.40
C TYR A 59 12.53 -18.85 -4.61
N ASP A 60 13.75 -18.91 -4.09
CA ASP A 60 14.39 -17.79 -3.40
C ASP A 60 15.33 -17.09 -4.39
N ILE A 61 14.78 -16.42 -5.38
CA ILE A 61 15.55 -15.97 -6.57
C ILE A 61 15.47 -14.46 -6.80
N TRP A 62 14.90 -13.74 -5.83
CA TRP A 62 14.69 -12.30 -5.97
C TRP A 62 15.95 -11.49 -5.72
N LEU A 70 16.40 -9.70 -13.19
CA LEU A 70 15.28 -9.81 -14.14
C LEU A 70 13.95 -9.87 -13.40
N PRO A 71 13.59 -8.79 -12.68
CA PRO A 71 12.41 -8.86 -11.79
C PRO A 71 11.12 -9.26 -12.54
N GLY A 72 10.98 -8.81 -13.79
CA GLY A 72 9.85 -9.18 -14.64
C GLY A 72 9.65 -10.67 -14.81
N HIS A 73 10.72 -11.36 -15.25
CA HIS A 73 10.73 -12.84 -15.35
C HIS A 73 10.35 -13.53 -14.04
N CYS A 74 10.95 -13.07 -12.93
CA CYS A 74 10.66 -13.67 -11.62
C CYS A 74 9.18 -13.53 -11.35
N MET A 75 8.65 -12.34 -11.55
CA MET A 75 7.25 -12.08 -11.23
C MET A 75 6.25 -12.76 -12.15
N ALA A 76 6.71 -13.27 -13.28
CA ALA A 76 5.80 -13.82 -14.28
C ALA A 76 5.46 -15.27 -14.00
N MET A 77 5.96 -15.83 -12.91
CA MET A 77 6.30 -17.25 -12.80
C MET A 77 5.65 -18.05 -11.66
N GLY A 78 5.06 -17.40 -10.65
CA GLY A 78 4.57 -18.14 -9.46
C GLY A 78 3.11 -18.60 -9.42
N ASP A 79 2.85 -19.69 -8.69
CA ASP A 79 1.48 -20.08 -8.28
C ASP A 79 1.02 -19.25 -7.09
N ALA A 80 1.99 -18.67 -6.39
CA ALA A 80 1.77 -17.83 -5.24
C ALA A 80 3.00 -16.96 -5.05
N TYR A 81 2.78 -15.80 -4.42
CA TYR A 81 3.80 -14.84 -4.08
C TYR A 81 3.80 -14.57 -2.62
N VAL A 82 4.97 -14.72 -1.99
CA VAL A 82 5.19 -14.30 -0.61
C VAL A 82 6.04 -13.01 -0.60
N ILE A 83 5.43 -11.93 -0.14
CA ILE A 83 6.12 -10.62 -0.09
C ILE A 83 6.58 -10.44 1.34
N VAL A 84 7.90 -10.42 1.53
CA VAL A 84 8.50 -10.34 2.87
C VAL A 84 9.08 -8.95 3.13
N TYR A 85 8.82 -8.40 4.31
CA TYR A 85 9.55 -7.23 4.78
C TYR A 85 10.04 -7.57 6.18
N SER A 86 10.94 -6.72 6.69
CA SER A 86 11.40 -6.87 8.06
C SER A 86 10.69 -5.85 8.90
N VAL A 87 10.16 -6.29 10.02
CA VAL A 87 9.56 -5.34 10.97
C VAL A 87 10.53 -4.37 11.61
N THR A 88 11.83 -4.66 11.53
CA THR A 88 12.86 -3.72 11.99
C THR A 88 13.30 -2.65 10.91
N ASP A 89 12.67 -2.62 9.73
CA ASP A 89 13.16 -1.83 8.57
C ASP A 89 11.97 -1.24 7.79
N LYS A 90 11.59 0.00 8.15
CA LYS A 90 10.50 0.67 7.51
C LYS A 90 10.76 0.78 6.03
N GLY A 91 12.01 0.89 5.58
CA GLY A 91 12.28 0.99 4.13
C GLY A 91 11.88 -0.31 3.40
N SER A 92 12.00 -1.44 4.07
CA SER A 92 11.65 -2.72 3.47
C SER A 92 10.11 -2.87 3.41
N PHE A 93 9.40 -2.23 4.34
CA PHE A 93 7.95 -2.24 4.29
C PHE A 93 7.42 -1.38 3.11
N GLU A 94 8.07 -0.25 2.87
CA GLU A 94 7.76 0.59 1.71
C GLU A 94 8.01 -0.19 0.40
N LYS A 95 9.13 -0.88 0.35
CA LYS A 95 9.47 -1.73 -0.79
C LYS A 95 8.41 -2.81 -1.00
N ALA A 96 7.86 -3.36 0.07
CA ALA A 96 6.72 -4.29 -0.08
C ALA A 96 5.56 -3.70 -0.84
N SER A 97 5.16 -2.44 -0.58
CA SER A 97 4.10 -1.82 -1.36
C SER A 97 4.46 -1.63 -2.83
N GLU A 98 5.72 -1.27 -3.09
CA GLU A 98 6.22 -1.12 -4.45
C GLU A 98 6.15 -2.46 -5.23
N LEU A 99 6.56 -3.53 -4.58
CA LEU A 99 6.50 -4.92 -5.12
C LEU A 99 5.05 -5.34 -5.45
N ARG A 100 4.09 -4.96 -4.61
CA ARG A 100 2.70 -5.26 -4.91
C ARG A 100 2.18 -4.55 -6.14
N VAL A 101 2.52 -3.28 -6.31
CA VAL A 101 2.14 -2.52 -7.48
C VAL A 101 2.73 -3.15 -8.74
N GLN A 102 3.99 -3.56 -8.67
CA GLN A 102 4.65 -4.27 -9.76
C GLN A 102 3.95 -5.58 -10.18
N LEU A 103 3.57 -6.38 -9.20
CA LEU A 103 2.82 -7.61 -9.42
C LEU A 103 1.49 -7.38 -10.10
N ARG A 104 0.79 -6.34 -9.66
CA ARG A 104 -0.47 -5.94 -10.26
C ARG A 104 -0.29 -5.70 -11.75
N ARG A 105 0.85 -5.14 -12.15
CA ARG A 105 1.11 -4.89 -13.57
C ARG A 105 1.56 -6.17 -14.30
N ALA A 106 2.31 -7.03 -13.60
CA ALA A 106 2.89 -8.26 -14.16
C ALA A 106 1.90 -9.42 -14.31
N ARG A 107 1.02 -9.59 -13.32
CA ARG A 107 -0.03 -10.62 -13.34
C ARG A 107 -1.41 -9.97 -13.36
N GLN A 108 -1.85 -9.56 -14.54
CA GLN A 108 -3.09 -8.81 -14.71
C GLN A 108 -4.25 -9.73 -15.07
N ASP A 111 -5.05 -12.73 -10.29
CA ASP A 111 -5.74 -13.81 -9.58
C ASP A 111 -4.86 -14.51 -8.51
N VAL A 112 -3.55 -14.28 -8.56
CA VAL A 112 -2.62 -15.15 -7.84
C VAL A 112 -2.58 -14.85 -6.33
N PRO A 113 -2.55 -15.90 -5.51
CA PRO A 113 -2.43 -15.70 -4.07
C PRO A 113 -1.16 -14.93 -3.66
N ILE A 114 -1.31 -13.96 -2.76
CA ILE A 114 -0.21 -13.20 -2.21
C ILE A 114 -0.35 -13.24 -0.71
N ILE A 115 0.77 -13.54 -0.06
CA ILE A 115 0.85 -13.48 1.42
C ILE A 115 1.87 -12.42 1.82
N LEU A 116 1.47 -11.49 2.69
CA LEU A 116 2.41 -10.48 3.19
C LEU A 116 3.03 -10.97 4.49
N VAL A 117 4.35 -10.92 4.64
CA VAL A 117 5.04 -11.43 5.84
C VAL A 117 5.91 -10.33 6.43
N GLY A 118 5.70 -10.03 7.69
CA GLY A 118 6.57 -9.20 8.47
C GLY A 118 7.46 -10.11 9.31
N ASN A 119 8.68 -10.27 8.87
CA ASN A 119 9.66 -11.12 9.53
C ASN A 119 10.47 -10.36 10.62
N LYS A 120 11.20 -11.11 11.43
CA LYS A 120 12.10 -10.64 12.52
C LYS A 120 11.32 -10.17 13.70
N SER A 121 10.21 -10.84 13.95
CA SER A 121 9.35 -10.46 15.08
C SER A 121 10.00 -10.68 16.45
N ASP A 122 11.14 -11.38 16.49
CA ASP A 122 11.88 -11.58 17.74
C ASP A 122 12.66 -10.32 18.19
N LEU A 123 12.97 -9.44 17.23
CA LEU A 123 13.76 -8.23 17.47
C LEU A 123 12.87 -7.08 17.97
N VAL A 124 12.29 -7.31 19.12
CA VAL A 124 11.22 -6.44 19.67
C VAL A 124 11.70 -4.98 19.85
N ARG A 125 12.92 -4.84 20.33
CA ARG A 125 13.48 -3.53 20.69
C ARG A 125 13.72 -2.63 19.44
N SER A 126 13.99 -3.24 18.29
CA SER A 126 14.31 -2.46 17.05
C SER A 126 13.18 -2.41 16.01
N ARG A 127 12.02 -2.86 16.42
CA ARG A 127 10.84 -2.82 15.57
C ARG A 127 10.52 -1.42 15.07
N GLU A 128 10.31 -1.30 13.76
CA GLU A 128 10.03 -0.05 13.08
C GLU A 128 8.64 0.00 12.43
N VAL A 129 8.03 -1.17 12.24
CA VAL A 129 6.74 -1.30 11.59
C VAL A 129 5.85 -1.97 12.60
N SER A 130 4.72 -1.34 12.96
CA SER A 130 3.84 -1.99 13.94
C SER A 130 3.08 -3.16 13.29
N VAL A 131 2.52 -4.02 14.12
CA VAL A 131 1.62 -5.07 13.66
C VAL A 131 0.40 -4.44 12.91
N ASP A 132 -0.10 -3.31 13.39
CA ASP A 132 -1.27 -2.67 12.75
C ASP A 132 -0.97 -2.10 11.36
N GLU A 133 0.24 -1.59 11.14
CA GLU A 133 0.69 -1.18 9.81
C GLU A 133 0.73 -2.36 8.85
N GLY A 134 1.28 -3.48 9.31
CA GLY A 134 1.21 -4.75 8.60
C GLY A 134 -0.21 -5.15 8.25
N ARG A 135 -1.10 -5.13 9.23
CA ARG A 135 -2.50 -5.47 8.99
C ARG A 135 -3.18 -4.54 7.99
N ALA A 136 -2.90 -3.24 8.11
CA ALA A 136 -3.42 -2.24 7.17
C ALA A 136 -2.92 -2.52 5.75
N CYS A 137 -1.65 -2.84 5.63
CA CYS A 137 -1.07 -3.16 4.30
C CYS A 137 -1.84 -4.36 3.71
N ALA A 138 -2.13 -5.36 4.54
CA ALA A 138 -2.98 -6.50 4.11
C ALA A 138 -4.34 -6.09 3.62
N VAL A 139 -5.00 -5.16 4.31
CA VAL A 139 -6.30 -4.66 3.83
C VAL A 139 -6.16 -4.02 2.46
N VAL A 140 -5.17 -3.15 2.29
CA VAL A 140 -5.00 -2.46 1.00
C VAL A 140 -4.74 -3.49 -0.12
N PHE A 141 -3.85 -4.42 0.14
CA PHE A 141 -3.54 -5.49 -0.80
C PHE A 141 -4.70 -6.51 -0.93
N ASP A 142 -5.62 -6.53 0.03
CA ASP A 142 -6.59 -7.61 0.19
C ASP A 142 -5.92 -9.00 0.12
N CYS A 143 -5.02 -9.25 1.07
CA CYS A 143 -4.26 -10.48 1.10
C CYS A 143 -4.11 -10.91 2.55
N LYS A 144 -3.55 -12.09 2.77
CA LYS A 144 -3.33 -12.58 4.13
C LYS A 144 -2.04 -12.00 4.66
N PHE A 145 -1.95 -11.86 5.98
CA PHE A 145 -0.79 -11.26 6.60
C PHE A 145 -0.35 -12.16 7.75
N ILE A 146 0.95 -12.35 7.88
CA ILE A 146 1.45 -13.10 9.04
C ILE A 146 2.78 -12.49 9.46
N GLU A 147 3.06 -12.49 10.76
CA GLU A 147 4.41 -12.14 11.20
C GLU A 147 5.16 -13.38 11.61
N THR A 148 6.45 -13.37 11.28
CA THR A 148 7.33 -14.50 11.50
C THR A 148 8.61 -14.11 12.23
N SER A 149 9.28 -15.14 12.75
CA SER A 149 10.65 -15.01 13.20
C SER A 149 11.41 -16.24 12.70
N ALA A 150 12.25 -16.03 11.71
CA ALA A 150 13.16 -17.10 11.26
C ALA A 150 14.11 -17.48 12.41
N ALA A 151 14.49 -16.54 13.26
CA ALA A 151 15.41 -16.83 14.35
C ALA A 151 14.84 -17.86 15.30
N LEU A 152 13.54 -17.76 15.58
CA LEU A 152 12.86 -18.65 16.55
C LEU A 152 12.07 -19.77 15.88
N HIS A 153 12.14 -19.85 14.57
CA HIS A 153 11.20 -20.66 13.78
C HIS A 153 9.71 -20.39 14.07
N HIS A 154 9.32 -19.16 14.40
CA HIS A 154 7.96 -18.88 14.71
C HIS A 154 7.14 -18.50 13.47
N ASN A 155 6.03 -19.20 13.30
CA ASN A 155 5.05 -19.01 12.21
C ASN A 155 5.63 -19.41 10.85
N VAL A 156 6.77 -20.09 10.81
CA VAL A 156 7.34 -20.45 9.52
C VAL A 156 6.54 -21.60 8.86
N GLN A 157 6.22 -22.63 9.63
CA GLN A 157 5.37 -23.70 9.11
CA GLN A 157 5.34 -23.72 9.21
C GLN A 157 3.99 -23.13 8.77
N ALA A 158 3.43 -22.26 9.61
CA ALA A 158 2.12 -21.62 9.33
C ALA A 158 2.10 -20.79 8.05
N LEU A 159 3.16 -20.07 7.77
CA LEU A 159 3.31 -19.32 6.52
C LEU A 159 3.13 -20.21 5.30
N PHE A 160 3.90 -21.28 5.23
CA PHE A 160 3.83 -22.13 4.07
C PHE A 160 2.57 -23.02 3.97
N GLU A 161 2.00 -23.40 5.10
CA GLU A 161 0.68 -24.03 5.07
C GLU A 161 -0.36 -23.05 4.53
N GLY A 162 -0.32 -21.80 4.99
CA GLY A 162 -1.20 -20.76 4.49
C GLY A 162 -1.07 -20.59 2.98
N VAL A 163 0.15 -20.66 2.45
CA VAL A 163 0.35 -20.56 0.99
C VAL A 163 -0.49 -21.60 0.27
N VAL A 164 -0.36 -22.85 0.75
CA VAL A 164 -1.08 -24.00 0.17
C VAL A 164 -2.60 -23.79 0.25
N ARG A 165 -3.11 -23.40 1.43
CA ARG A 165 -4.55 -23.15 1.61
C ARG A 165 -5.04 -22.04 0.70
N GLN A 166 -4.24 -21.00 0.54
CA GLN A 166 -4.66 -19.86 -0.32
C GLN A 166 -4.67 -20.25 -1.77
N ILE A 167 -3.70 -21.04 -2.22
CA ILE A 167 -3.73 -21.57 -3.60
C ILE A 167 -4.95 -22.46 -3.88
N ARG A 168 -5.24 -23.37 -2.95
CA ARG A 168 -6.41 -24.23 -3.09
C ARG A 168 -7.72 -23.45 -3.19
N LEU A 169 -7.92 -22.45 -2.34
CA LEU A 169 -9.13 -21.62 -2.38
C LEU A 169 -9.34 -20.98 -3.75
N ARG A 170 -8.24 -20.55 -4.37
CA ARG A 170 -8.30 -19.88 -5.67
C ARG A 170 -8.44 -20.88 -6.81
N ARG A 171 -7.89 -22.09 -6.67
CA ARG A 171 -8.22 -23.17 -7.61
C ARG A 171 -9.73 -23.43 -7.63
N ASP A 172 -10.36 -23.31 -6.45
CA ASP A 172 -11.74 -23.74 -6.24
C ASP A 172 -12.85 -22.66 -6.31
N SER A 173 -12.49 -21.38 -6.17
CA SER A 173 -13.49 -20.31 -6.27
C SER A 173 -13.76 -19.95 -7.74
N LYS A 174 -12.78 -20.23 -8.59
CA LYS A 174 -12.98 -20.36 -10.05
C LYS A 174 -14.37 -19.86 -10.51
N VAL B 7 4.20 31.26 0.11
CA VAL B 7 3.13 30.70 -0.80
C VAL B 7 3.30 29.20 -0.93
N TYR B 8 2.27 28.44 -0.57
CA TYR B 8 2.37 26.98 -0.62
C TYR B 8 1.87 26.43 -1.97
N LYS B 9 2.73 25.64 -2.63
CA LYS B 9 2.39 24.94 -3.87
C LYS B 9 1.85 23.55 -3.55
N VAL B 10 0.58 23.31 -3.89
CA VAL B 10 -0.12 22.05 -3.61
C VAL B 10 -0.46 21.41 -4.95
N LEU B 11 0.01 20.19 -5.21
CA LEU B 11 -0.29 19.52 -6.46
C LEU B 11 -1.33 18.43 -6.26
N LEU B 12 -2.40 18.46 -7.04
CA LEU B 12 -3.40 17.42 -7.01
C LEU B 12 -3.05 16.32 -8.04
N LEU B 13 -2.94 15.09 -7.53
CA LEU B 13 -2.56 13.91 -8.29
C LEU B 13 -3.68 12.89 -8.25
N GLY B 14 -3.83 12.10 -9.30
CA GLY B 14 -4.82 11.03 -9.31
C GLY B 14 -5.18 10.58 -10.71
N ALA B 15 -5.82 9.42 -10.81
CA ALA B 15 -6.29 8.88 -12.09
C ALA B 15 -7.24 9.87 -12.79
N PRO B 16 -7.33 9.81 -14.12
CA PRO B 16 -8.34 10.65 -14.77
C PRO B 16 -9.75 10.36 -14.25
N GLY B 17 -10.59 11.38 -14.18
CA GLY B 17 -12.00 11.23 -13.79
C GLY B 17 -12.35 11.22 -12.32
N VAL B 18 -11.37 11.33 -11.43
CA VAL B 18 -11.63 11.24 -10.00
C VAL B 18 -12.22 12.51 -9.34
N GLY B 19 -12.11 13.66 -10.01
CA GLY B 19 -12.56 14.93 -9.42
C GLY B 19 -11.47 15.94 -9.02
N LYS B 20 -10.27 15.79 -9.57
CA LYS B 20 -9.20 16.77 -9.31
C LYS B 20 -9.63 18.17 -9.70
N SER B 21 -10.09 18.36 -10.93
CA SER B 21 -10.50 19.69 -11.39
C SER B 21 -11.71 20.18 -10.59
N ALA B 22 -12.61 19.25 -10.23
CA ALA B 22 -13.83 19.59 -9.50
C ALA B 22 -13.45 20.15 -8.15
N LEU B 23 -12.53 19.47 -7.49
CA LEU B 23 -12.04 19.92 -6.22
C LEU B 23 -11.26 21.24 -6.33
N ALA B 24 -10.41 21.40 -7.33
CA ALA B 24 -9.60 22.60 -7.48
C ALA B 24 -10.48 23.80 -7.76
N ARG B 25 -11.51 23.61 -8.58
CA ARG B 25 -12.45 24.69 -8.92
C ARG B 25 -13.20 25.19 -7.73
N ILE B 26 -13.60 24.27 -6.83
CA ILE B 26 -14.28 24.69 -5.61
C ILE B 26 -13.34 25.50 -4.71
N PHE B 27 -12.10 25.07 -4.60
CA PHE B 27 -11.12 25.80 -3.83
C PHE B 27 -10.99 27.20 -4.40
N GLY B 28 -10.86 27.29 -5.73
CA GLY B 28 -10.72 28.58 -6.41
C GLY B 28 -11.96 29.48 -6.40
N GLY B 29 -13.10 28.93 -6.01
CA GLY B 29 -14.36 29.69 -6.03
C GLY B 29 -15.04 29.77 -7.38
N VAL B 30 -14.67 28.90 -8.32
CA VAL B 30 -15.25 28.87 -9.66
C VAL B 30 -16.57 28.08 -9.66
N GLU B 31 -17.66 28.69 -10.10
CA GLU B 31 -18.98 28.07 -9.92
C GLU B 31 -19.35 27.12 -11.05
N HIS B 41 -5.09 23.59 -14.83
CA HIS B 41 -4.61 24.94 -14.51
C HIS B 41 -4.76 25.27 -13.01
N THR B 42 -4.42 26.49 -12.64
CA THR B 42 -4.03 26.81 -11.27
C THR B 42 -4.91 27.86 -10.62
N TYR B 43 -5.05 27.74 -9.30
CA TYR B 43 -5.87 28.62 -8.50
C TYR B 43 -5.04 29.10 -7.32
N ASP B 44 -4.92 30.41 -7.21
CA ASP B 44 -4.12 31.03 -6.18
C ASP B 44 -5.15 31.64 -5.26
N ARG B 45 -5.10 31.29 -3.98
CA ARG B 45 -6.09 31.85 -3.04
C ARG B 45 -5.60 31.73 -1.61
N SER B 46 -5.81 32.82 -0.85
CA SER B 46 -5.42 32.89 0.55
C SER B 46 -6.54 32.36 1.40
N ILE B 47 -6.21 31.50 2.36
CA ILE B 47 -7.19 30.95 3.29
C ILE B 47 -6.71 31.09 4.74
N VAL B 48 -7.65 31.14 5.68
CA VAL B 48 -7.35 31.33 7.09
C VAL B 48 -7.53 30.02 7.85
N VAL B 49 -6.42 29.50 8.37
CA VAL B 49 -6.41 28.23 9.10
C VAL B 49 -5.83 28.48 10.47
N ASP B 50 -6.59 28.16 11.52
CA ASP B 50 -6.20 28.46 12.90
C ASP B 50 -5.72 29.91 13.11
N GLY B 51 -6.47 30.86 12.54
CA GLY B 51 -6.18 32.29 12.67
C GLY B 51 -4.86 32.75 12.07
N GLU B 52 -4.37 32.03 11.07
CA GLU B 52 -3.21 32.45 10.29
C GLU B 52 -3.50 32.24 8.80
N GLU B 53 -3.29 33.29 8.01
CA GLU B 53 -3.44 33.21 6.57
C GLU B 53 -2.34 32.33 5.99
N ALA B 54 -2.70 31.63 4.92
CA ALA B 54 -1.76 30.96 4.05
C ALA B 54 -2.22 31.30 2.65
N SER B 55 -1.26 31.47 1.75
CA SER B 55 -1.56 31.75 0.36
C SER B 55 -1.23 30.51 -0.40
N LEU B 56 -2.27 29.87 -0.95
CA LEU B 56 -2.11 28.58 -1.60
C LEU B 56 -2.11 28.72 -3.09
N MET B 57 -1.30 27.91 -3.73
CA MET B 57 -1.35 27.76 -5.16
C MET B 57 -1.68 26.32 -5.49
N VAL B 58 -2.94 26.04 -5.81
CA VAL B 58 -3.36 24.66 -6.09
C VAL B 58 -3.23 24.33 -7.58
N TYR B 59 -2.44 23.31 -7.86
CA TYR B 59 -2.08 22.95 -9.22
C TYR B 59 -2.85 21.72 -9.61
N ASP B 60 -3.49 21.79 -10.77
CA ASP B 60 -4.21 20.68 -11.33
C ASP B 60 -3.74 20.57 -12.78
N ILE B 61 -2.51 20.09 -12.93
CA ILE B 61 -1.82 20.07 -14.23
C ILE B 61 -1.21 18.68 -14.47
N MET B 77 8.81 21.50 -7.86
CA MET B 77 7.87 20.52 -7.39
C MET B 77 7.00 21.13 -6.26
N GLY B 78 6.20 20.32 -5.58
CA GLY B 78 5.26 20.83 -4.58
C GLY B 78 5.78 21.01 -3.17
N ASP B 79 5.02 21.77 -2.38
CA ASP B 79 5.14 21.82 -0.92
C ASP B 79 4.29 20.71 -0.26
N ALA B 80 3.31 20.21 -1.03
CA ALA B 80 2.35 19.20 -0.57
C ALA B 80 1.73 18.47 -1.76
N TYR B 81 1.32 17.23 -1.57
CA TYR B 81 0.68 16.46 -2.62
C TYR B 81 -0.62 15.88 -2.13
N VAL B 82 -1.67 16.05 -2.93
CA VAL B 82 -2.96 15.50 -2.62
C VAL B 82 -3.25 14.41 -3.64
N ILE B 83 -3.29 13.17 -3.17
CA ILE B 83 -3.54 12.03 -4.03
C ILE B 83 -5.03 11.72 -3.93
N VAL B 84 -5.74 11.90 -5.06
CA VAL B 84 -7.20 11.77 -5.11
C VAL B 84 -7.59 10.49 -5.82
N TYR B 85 -8.50 9.72 -5.21
CA TYR B 85 -9.17 8.62 -5.89
C TYR B 85 -10.68 8.86 -5.78
N SER B 86 -11.47 8.14 -6.58
CA SER B 86 -12.92 8.16 -6.45
C SER B 86 -13.32 6.93 -5.69
N VAL B 87 -14.20 7.13 -4.69
CA VAL B 87 -14.70 6.01 -3.92
C VAL B 87 -15.53 5.07 -4.77
N THR B 88 -15.96 5.50 -5.96
CA THR B 88 -16.69 4.63 -6.85
C THR B 88 -15.82 3.86 -7.84
N ASP B 89 -14.50 3.92 -7.70
CA ASP B 89 -13.61 3.36 -8.73
C ASP B 89 -12.36 2.75 -8.04
N LYS B 90 -12.43 1.44 -7.81
CA LYS B 90 -11.30 0.71 -7.21
C LYS B 90 -10.00 0.87 -8.00
N GLY B 91 -10.11 0.87 -9.32
CA GLY B 91 -8.98 1.10 -10.20
C GLY B 91 -8.25 2.37 -9.85
N SER B 92 -9.01 3.44 -9.61
CA SER B 92 -8.44 4.72 -9.22
C SER B 92 -7.78 4.66 -7.82
N PHE B 93 -8.29 3.82 -6.91
CA PHE B 93 -7.68 3.65 -5.57
C PHE B 93 -6.34 2.89 -5.69
N GLU B 94 -6.30 1.89 -6.58
CA GLU B 94 -5.07 1.17 -6.84
C GLU B 94 -4.05 2.09 -7.45
N LYS B 95 -4.51 2.97 -8.36
CA LYS B 95 -3.66 3.99 -8.97
C LYS B 95 -3.07 4.93 -7.91
N ALA B 96 -3.81 5.23 -6.86
CA ALA B 96 -3.31 6.05 -5.77
C ALA B 96 -2.07 5.46 -5.10
N SER B 97 -2.02 4.15 -4.86
CA SER B 97 -0.80 3.54 -4.36
C SER B 97 0.36 3.60 -5.33
N GLU B 98 0.06 3.49 -6.63
CA GLU B 98 1.09 3.57 -7.64
C GLU B 98 1.69 4.97 -7.66
N LEU B 99 0.83 5.98 -7.53
CA LEU B 99 1.29 7.36 -7.51
C LEU B 99 2.14 7.62 -6.30
N ARG B 100 1.75 7.08 -5.15
CA ARG B 100 2.52 7.28 -3.93
C ARG B 100 3.92 6.65 -4.04
N VAL B 101 3.99 5.47 -4.67
CA VAL B 101 5.28 4.83 -4.96
C VAL B 101 6.13 5.68 -5.93
N GLN B 102 5.54 6.17 -7.03
CA GLN B 102 6.25 7.09 -7.96
C GLN B 102 6.79 8.34 -7.28
N LEU B 103 6.04 8.90 -6.33
CA LEU B 103 6.50 10.06 -5.58
C LEU B 103 7.65 9.73 -4.64
N ARG B 104 7.55 8.60 -3.93
CA ARG B 104 8.67 8.11 -3.12
CA ARG B 104 8.67 8.12 -3.11
C ARG B 104 9.94 7.99 -3.96
N ARG B 105 9.82 7.35 -5.12
CA ARG B 105 10.97 7.05 -5.97
C ARG B 105 11.50 8.29 -6.71
N ALA B 106 10.62 9.16 -7.18
CA ALA B 106 11.03 10.40 -7.84
C ALA B 106 11.59 11.41 -6.83
N ARG B 107 10.78 11.79 -5.84
CA ARG B 107 11.17 12.74 -4.80
C ARG B 107 11.83 12.03 -3.63
N ASP B 111 10.77 14.89 2.87
CA ASP B 111 9.55 14.49 3.56
C ASP B 111 8.37 15.46 3.31
N VAL B 112 7.89 15.49 2.07
CA VAL B 112 6.81 16.39 1.67
C VAL B 112 5.47 15.79 2.06
N PRO B 113 4.61 16.55 2.77
CA PRO B 113 3.34 16.00 3.23
C PRO B 113 2.45 15.51 2.09
N ILE B 114 1.72 14.43 2.37
CA ILE B 114 0.80 13.83 1.44
C ILE B 114 -0.53 13.74 2.16
N ILE B 115 -1.60 14.12 1.48
CA ILE B 115 -2.96 13.84 1.96
C ILE B 115 -3.67 12.90 0.97
N LEU B 116 -4.32 11.86 1.49
CA LEU B 116 -5.07 10.93 0.62
C LEU B 116 -6.55 11.30 0.66
N VAL B 117 -7.15 11.43 -0.51
CA VAL B 117 -8.55 11.85 -0.63
C VAL B 117 -9.37 10.84 -1.42
N GLY B 118 -10.43 10.35 -0.78
CA GLY B 118 -11.49 9.57 -1.43
C GLY B 118 -12.67 10.48 -1.79
N ASN B 119 -12.77 10.85 -3.06
CA ASN B 119 -13.82 11.74 -3.54
C ASN B 119 -15.07 11.01 -4.05
N LYS B 120 -16.18 11.74 -4.21
CA LYS B 120 -17.45 11.27 -4.74
C LYS B 120 -18.27 10.53 -3.68
N SER B 121 -18.10 10.92 -2.43
CA SER B 121 -18.84 10.34 -1.32
C SER B 121 -20.36 10.51 -1.42
N ASP B 122 -20.85 11.40 -2.30
CA ASP B 122 -22.29 11.52 -2.50
C ASP B 122 -22.91 10.35 -3.24
N LEU B 123 -22.12 9.64 -4.06
CA LEU B 123 -22.62 8.53 -4.90
C LEU B 123 -22.71 7.26 -4.07
N VAL B 124 -23.68 7.25 -3.18
CA VAL B 124 -23.75 6.26 -2.09
C VAL B 124 -23.83 4.83 -2.65
N ARG B 125 -24.72 4.61 -3.60
CA ARG B 125 -24.95 3.26 -4.14
C ARG B 125 -23.91 2.81 -5.17
N SER B 126 -22.96 3.65 -5.53
CA SER B 126 -21.92 3.27 -6.50
C SER B 126 -20.57 3.11 -5.84
N ARG B 127 -20.51 3.15 -4.50
CA ARG B 127 -19.23 3.03 -3.82
C ARG B 127 -18.57 1.63 -4.05
N GLU B 128 -17.27 1.63 -4.38
CA GLU B 128 -16.47 0.39 -4.59
C GLU B 128 -15.32 0.28 -3.57
N VAL B 129 -15.03 1.38 -2.87
CA VAL B 129 -13.90 1.44 -1.94
C VAL B 129 -14.45 1.85 -0.60
N SER B 130 -14.22 1.03 0.44
CA SER B 130 -14.78 1.36 1.75
C SER B 130 -13.98 2.50 2.43
N VAL B 131 -14.59 3.15 3.39
CA VAL B 131 -13.87 4.03 4.27
C VAL B 131 -12.71 3.32 4.97
N ASP B 132 -12.87 2.07 5.41
CA ASP B 132 -11.76 1.34 6.08
C ASP B 132 -10.57 1.08 5.17
N GLU B 133 -10.81 0.94 3.87
CA GLU B 133 -9.72 0.71 2.91
C GLU B 133 -8.93 1.99 2.69
N GLY B 134 -9.62 3.13 2.60
CA GLY B 134 -8.97 4.45 2.58
C GLY B 134 -8.18 4.73 3.84
N ARG B 135 -8.75 4.44 5.00
CA ARG B 135 -8.01 4.61 6.26
C ARG B 135 -6.77 3.70 6.33
N ALA B 136 -6.88 2.47 5.82
CA ALA B 136 -5.76 1.54 5.82
C ALA B 136 -4.64 2.07 4.93
N CYS B 137 -5.04 2.56 3.76
CA CYS B 137 -4.10 3.17 2.81
C CYS B 137 -3.30 4.32 3.43
N ALA B 138 -3.99 5.16 4.18
CA ALA B 138 -3.34 6.25 4.88
C ALA B 138 -2.43 5.77 6.03
N VAL B 139 -2.77 4.65 6.67
CA VAL B 139 -1.92 4.08 7.69
C VAL B 139 -0.65 3.58 7.03
N VAL B 140 -0.79 2.94 5.87
CA VAL B 140 0.36 2.43 5.12
C VAL B 140 1.24 3.60 4.65
N PHE B 141 0.64 4.68 4.17
CA PHE B 141 1.34 5.88 3.70
C PHE B 141 1.89 6.76 4.82
N ASP B 142 1.39 6.55 6.05
CA ASP B 142 1.64 7.43 7.18
C ASP B 142 1.18 8.86 6.91
N CYS B 143 -0.01 8.98 6.35
CA CYS B 143 -0.55 10.28 5.95
C CYS B 143 -1.97 10.47 6.45
N LYS B 144 -2.50 11.66 6.23
CA LYS B 144 -3.86 11.96 6.63
C LYS B 144 -4.79 11.55 5.48
N PHE B 145 -6.00 11.16 5.86
CA PHE B 145 -7.00 10.66 4.95
C PHE B 145 -8.25 11.46 5.13
N ILE B 146 -8.93 11.80 4.03
CA ILE B 146 -10.23 12.47 4.10
C ILE B 146 -11.10 12.01 2.91
N GLU B 147 -12.40 11.86 3.15
CA GLU B 147 -13.34 11.70 2.04
C GLU B 147 -14.06 13.00 1.78
N THR B 148 -14.24 13.29 0.49
CA THR B 148 -14.86 14.52 0.06
C THR B 148 -16.00 14.24 -0.92
N SER B 149 -16.81 15.25 -1.12
CA SER B 149 -17.73 15.27 -2.27
C SER B 149 -17.73 16.66 -2.89
N ALA B 150 -17.31 16.75 -4.14
CA ALA B 150 -17.39 18.03 -4.85
C ALA B 150 -18.84 18.38 -5.14
N ALA B 151 -19.71 17.36 -5.23
CA ALA B 151 -21.13 17.62 -5.54
C ALA B 151 -21.88 18.26 -4.39
N LEU B 152 -21.61 17.79 -3.18
CA LEU B 152 -22.13 18.36 -1.94
C LEU B 152 -21.28 19.51 -1.34
N HIS B 153 -20.09 19.76 -1.92
CA HIS B 153 -19.06 20.67 -1.38
C HIS B 153 -18.76 20.26 0.05
N HIS B 154 -18.60 18.95 0.26
CA HIS B 154 -18.41 18.36 1.60
C HIS B 154 -16.92 18.06 1.78
N ASN B 155 -16.33 18.61 2.84
CA ASN B 155 -14.94 18.37 3.23
C ASN B 155 -13.92 18.99 2.29
N VAL B 156 -14.35 19.88 1.39
CA VAL B 156 -13.41 20.49 0.45
C VAL B 156 -12.55 21.58 1.14
N GLN B 157 -13.16 22.48 1.89
CA GLN B 157 -12.34 23.45 2.63
CA GLN B 157 -12.39 23.46 2.70
C GLN B 157 -11.51 22.76 3.73
N ALA B 158 -12.07 21.73 4.37
CA ALA B 158 -11.33 20.89 5.33
C ALA B 158 -10.12 20.19 4.72
N LEU B 159 -10.22 19.77 3.47
CA LEU B 159 -9.06 19.24 2.76
C LEU B 159 -7.90 20.24 2.69
N PHE B 160 -8.19 21.46 2.20
CA PHE B 160 -7.13 22.44 1.99
C PHE B 160 -6.66 23.08 3.28
N GLU B 161 -7.55 23.17 4.27
CA GLU B 161 -7.14 23.53 5.65
C GLU B 161 -6.15 22.50 6.21
N GLY B 162 -6.45 21.24 6.01
CA GLY B 162 -5.55 20.17 6.38
C GLY B 162 -4.21 20.21 5.67
N VAL B 163 -4.21 20.51 4.38
CA VAL B 163 -2.97 20.62 3.62
C VAL B 163 -2.07 21.67 4.26
N VAL B 164 -2.67 22.79 4.68
CA VAL B 164 -1.96 23.86 5.38
C VAL B 164 -1.38 23.37 6.71
N ARG B 165 -2.23 22.76 7.54
CA ARG B 165 -1.78 22.27 8.85
C ARG B 165 -0.57 21.36 8.75
N GLN B 166 -0.60 20.45 7.78
CA GLN B 166 0.45 19.46 7.63
C GLN B 166 1.76 20.07 7.13
N ILE B 167 1.65 21.04 6.24
CA ILE B 167 2.83 21.75 5.74
C ILE B 167 3.48 22.47 6.91
N ARG B 168 2.64 23.12 7.73
CA ARG B 168 3.09 23.91 8.88
CA ARG B 168 3.11 23.91 8.87
C ARG B 168 3.68 23.04 9.98
N LEU B 169 3.06 21.90 10.25
CA LEU B 169 3.59 20.98 11.26
C LEU B 169 4.93 20.39 10.82
N ARG B 170 5.20 20.43 9.51
CA ARG B 170 6.50 20.02 8.97
C ARG B 170 7.56 21.11 9.20
N ARG B 171 7.26 22.32 8.75
CA ARG B 171 8.16 23.45 8.91
C ARG B 171 8.64 23.61 10.35
N ASP B 172 7.76 23.40 11.32
CA ASP B 172 8.15 23.40 12.75
C ASP B 172 7.79 22.07 13.41
MG MG C . 18.86 -14.16 0.53
PB GDP D . 17.51 -12.05 2.50
O1B GDP D . 18.45 -11.02 1.98
O2B GDP D . 17.47 -13.34 1.88
O3B GDP D . 16.10 -11.48 2.45
O3A GDP D . 17.78 -12.25 4.11
PA GDP D . 18.74 -13.24 4.91
O1A GDP D . 20.08 -13.22 4.23
O2A GDP D . 18.08 -14.56 4.98
O5' GDP D . 18.81 -12.50 6.33
C5' GDP D . 19.41 -11.26 6.42
C4' GDP D . 19.76 -10.96 7.86
O4' GDP D . 18.60 -11.10 8.68
C3' GDP D . 20.76 -11.98 8.37
O3' GDP D . 21.59 -11.24 9.28
C2' GDP D . 19.88 -13.01 9.04
O2' GDP D . 20.46 -13.76 10.13
C1' GDP D . 18.85 -12.11 9.67
N9 GDP D . 17.53 -12.65 9.95
C8 GDP D . 16.65 -13.15 9.05
N7 GDP D . 15.50 -13.47 9.64
C5 GDP D . 15.62 -13.12 10.96
C6 GDP D . 14.71 -13.16 12.14
O6 GDP D . 13.54 -13.62 12.02
N1 GDP D . 15.21 -12.75 13.31
C2 GDP D . 16.49 -12.29 13.42
N2 GDP D . 16.93 -11.91 14.62
N3 GDP D . 17.37 -12.19 12.38
C4 GDP D . 16.96 -12.59 11.15
MG MG E . -9.13 17.45 -14.71
PB GDP F . -10.43 14.95 -13.10
O1B GDP F . -10.16 14.19 -14.36
O2B GDP F . -9.85 16.34 -13.04
O3B GDP F . -9.77 14.20 -11.95
O3A GDP F . -11.96 14.95 -12.68
PA GDP F . -13.05 16.07 -13.04
O1A GDP F . -12.99 16.36 -14.54
O2A GDP F . -13.19 17.16 -12.02
O5' GDP F . -14.36 15.18 -12.78
C5' GDP F . -14.70 14.09 -13.66
C4' GDP F . -16.16 13.74 -13.50
O4' GDP F . -16.48 13.34 -12.14
C3' GDP F . -17.05 14.90 -13.88
O3' GDP F . -18.14 14.26 -14.52
C2' GDP F . -17.42 15.49 -12.54
O2' GDP F . -18.71 16.07 -12.49
C1' GDP F . -17.49 14.23 -11.71
N9 GDP F . -17.26 14.48 -10.30
C8 GDP F . -16.18 15.07 -9.74
N7 GDP F . -16.30 15.12 -8.38
C5 GDP F . -17.47 14.55 -8.06
C6 GDP F . -18.22 14.29 -6.83
O6 GDP F . -17.78 14.56 -5.70
N1 GDP F . -19.39 13.69 -6.96
C2 GDP F . -19.92 13.37 -8.15
N2 GDP F . -21.11 12.78 -8.12
N3 GDP F . -19.31 13.53 -9.35
C4 GDP F . -18.11 14.14 -9.34
#